data_4ZAA
#
_entry.id   4ZAA
#
_cell.length_a   96.592
_cell.length_b   64.467
_cell.length_c   87.885
_cell.angle_alpha   90.00
_cell.angle_beta   90.00
_cell.angle_gamma   90.00
#
_symmetry.space_group_name_H-M   'P 21 21 2'
#
loop_
_entity.id
_entity.type
_entity.pdbx_description
1 polymer fdc1
2 non-polymer '1-deoxy-5-O-phosphono-1-(3,3,4,5-tetramethyl-9,11-dioxo-2,3,8,9,10,11-hexahydro-7H-quinolino[1,8-fg]pteridin-12-ium-7-y l)-D-ribitol'
3 non-polymer 1-deoxy-5-O-phosphono-1-[(10aR)-2,2,3,4-tetramethyl-8,10-dioxo-1,2,8,9,10,10a-hexahydro-6H-indeno[1,7-ef]pyrimido[4,5-b][1,4]diazepin-6-yl]-D-ribitol
4 non-polymer 'MANGANESE (II) ION'
5 non-polymer 'POTASSIUM ION'
6 non-polymer 2-Methoxy-4-vinylphenol
7 non-polymer 'CARBON DIOXIDE'
8 water water
#
_entity_poly.entity_id   1
_entity_poly.type   'polypeptide(L)'
_entity_poly.pdbx_seq_one_letter_code
;MSAQPAHLCFRSFVEALKVDNDLVEINTPIDPNLEAAAITRRVCETNDKAPLFNNLIGMKNGLFRILGAPGSLRKSSADR
YGRLARHLALPPTASMREILDKMLSASDMPPIPPTIVPTGPCKENSLDDSEFDLTELPVPLIHKSDGGKYIQTYGMHIVQ
SPDGTWTNWSIARAMVHDKNHLTGLVIPPQHIWQIHQMWKKEGRSDVPWALAFGVPPAAIMASSMPIPDGVTEAGYVGAM
TGSSLELVKCDTNDLYVPATSEIVLEGTLSISETGPEGPFGEMHGYIFPGDTHLGAKYKVNRITYRNNAIMPMSSCGRLT
DETHTMIGSLAAAEIRKLCQQNDLPITDAFAPFESQVTWVALRVDTEKLRAMKTTSEGFRKRVGDVVFNHKAGYTIHRLV
LVGDDIDVYEGKDVLWAFSTRCRPGMDETLFEDVRGFPLIPYMGHGNGPAHRGGKVVSDALMPTEYTTGRNWEAADFNQS
YPEDLKQKVLDNWTKMGFSNLEHHHHHH
;
_entity_poly.pdbx_strand_id   A
#
# COMPACT_ATOMS: atom_id res chain seq x y z
N GLN A 4 -22.42 -10.99 -2.23
CA GLN A 4 -21.04 -11.49 -2.43
C GLN A 4 -20.28 -11.09 -1.15
N PRO A 5 -19.28 -11.89 -0.78
CA PRO A 5 -18.48 -11.57 0.38
C PRO A 5 -17.74 -10.23 0.28
N ALA A 6 -17.51 -9.66 1.44
CA ALA A 6 -16.84 -8.33 1.54
C ALA A 6 -15.47 -8.33 0.86
N HIS A 7 -14.67 -9.42 0.97
CA HIS A 7 -13.36 -9.41 0.40
C HIS A 7 -13.35 -9.53 -1.11
N LEU A 8 -14.49 -9.93 -1.71
CA LEU A 8 -14.68 -10.15 -3.15
C LEU A 8 -15.52 -9.10 -3.82
N CYS A 9 -16.06 -8.13 -3.08
CA CYS A 9 -17.02 -7.17 -3.64
C CYS A 9 -16.97 -5.86 -2.83
N PHE A 10 -16.53 -4.75 -3.48
CA PHE A 10 -16.37 -3.50 -2.76
C PHE A 10 -17.66 -2.99 -2.13
N ARG A 11 -18.81 -3.17 -2.81
CA ARG A 11 -20.08 -2.71 -2.25
C ARG A 11 -20.39 -3.46 -0.97
N SER A 12 -20.08 -4.75 -0.90
CA SER A 12 -20.22 -5.52 0.33
C SER A 12 -19.24 -5.10 1.42
N PHE A 13 -18.02 -4.75 1.03
CA PHE A 13 -17.03 -4.20 1.96
C PHE A 13 -17.54 -2.95 2.65
N VAL A 14 -18.18 -2.05 1.87
CA VAL A 14 -18.75 -0.82 2.49
C VAL A 14 -19.80 -1.21 3.54
N GLU A 15 -20.63 -2.18 3.16
N GLU A 15 -20.64 -2.15 3.16
CA GLU A 15 -21.65 -2.75 4.13
CA GLU A 15 -21.64 -2.62 4.14
C GLU A 15 -20.98 -3.28 5.37
C GLU A 15 -20.99 -3.27 5.35
N ALA A 16 -19.89 -4.00 5.22
CA ALA A 16 -19.15 -4.50 6.35
C ALA A 16 -18.66 -3.42 7.31
N LEU A 17 -18.09 -2.35 6.73
CA LEU A 17 -17.69 -1.27 7.57
C LEU A 17 -18.87 -0.70 8.35
N LYS A 18 -20.04 -0.57 7.73
N LYS A 18 -20.05 -0.58 7.71
CA LYS A 18 -21.20 -0.09 8.45
CA LYS A 18 -21.24 -0.09 8.36
C LYS A 18 -21.52 -1.01 9.62
C LYS A 18 -21.59 -1.01 9.55
N VAL A 19 -21.65 -2.26 9.34
N VAL A 19 -21.62 -2.31 9.36
CA VAL A 19 -21.96 -3.24 10.37
CA VAL A 19 -22.03 -3.21 10.48
C VAL A 19 -20.99 -3.24 11.51
C VAL A 19 -20.93 -3.36 11.55
N ASP A 20 -19.68 -3.02 11.19
CA ASP A 20 -18.63 -2.92 12.18
C ASP A 20 -18.67 -1.61 13.04
N ASN A 21 -19.64 -0.73 12.78
CA ASN A 21 -19.65 0.57 13.36
C ASN A 21 -18.29 1.28 13.11
N ASP A 22 -17.91 1.20 11.83
CA ASP A 22 -16.62 1.75 11.37
C ASP A 22 -16.81 2.66 10.18
N LEU A 23 -18.02 3.23 10.03
N LEU A 23 -17.99 3.28 10.07
CA LEU A 23 -18.38 4.05 8.87
CA LEU A 23 -18.24 4.12 8.94
C LEU A 23 -19.17 5.22 9.42
C LEU A 23 -19.24 5.19 9.31
N VAL A 24 -18.97 6.41 8.85
CA VAL A 24 -19.84 7.59 9.04
C VAL A 24 -20.39 7.98 7.68
N GLU A 25 -21.72 7.87 7.52
CA GLU A 25 -22.35 8.27 6.28
C GLU A 25 -22.72 9.76 6.33
N ILE A 26 -22.27 10.55 5.39
N ILE A 26 -22.23 10.57 5.40
CA ILE A 26 -22.57 11.95 5.37
CA ILE A 26 -22.54 12.02 5.30
C ILE A 26 -23.48 12.19 4.17
C ILE A 26 -23.48 12.21 4.14
N ASN A 27 -24.73 12.52 4.42
CA ASN A 27 -25.75 12.62 3.38
C ASN A 27 -26.07 14.07 2.99
N THR A 28 -25.47 15.04 3.67
CA THR A 28 -25.58 16.45 3.29
C THR A 28 -24.47 16.83 2.26
N PRO A 29 -24.60 17.94 1.55
CA PRO A 29 -23.64 18.19 0.47
C PRO A 29 -22.22 18.44 0.99
N ILE A 30 -21.27 17.78 0.36
CA ILE A 30 -19.84 17.92 0.66
C ILE A 30 -19.07 18.30 -0.62
N ASP A 31 -18.18 19.24 -0.55
CA ASP A 31 -17.46 19.69 -1.72
C ASP A 31 -16.25 18.77 -2.03
N PRO A 32 -16.14 18.26 -3.28
CA PRO A 32 -14.95 17.52 -3.63
C PRO A 32 -13.71 18.44 -3.72
N ASN A 33 -13.89 19.77 -3.82
CA ASN A 33 -12.78 20.71 -3.74
C ASN A 33 -12.38 20.86 -2.26
N LEU A 34 -11.40 20.05 -1.86
CA LEU A 34 -10.75 20.04 -0.53
C LEU A 34 -11.60 19.50 0.66
N GLU A 35 -12.91 19.72 0.69
CA GLU A 35 -13.62 19.38 1.89
C GLU A 35 -13.67 17.88 2.19
N ALA A 36 -13.99 17.06 1.17
CA ALA A 36 -14.03 15.61 1.36
C ALA A 36 -12.65 15.10 1.87
N ALA A 37 -11.59 15.60 1.21
CA ALA A 37 -10.22 15.16 1.55
C ALA A 37 -9.80 15.69 2.96
N ALA A 38 -10.25 16.90 3.36
CA ALA A 38 -9.91 17.44 4.66
C ALA A 38 -10.52 16.60 5.78
N ILE A 39 -11.80 16.25 5.61
CA ILE A 39 -12.47 15.36 6.56
C ILE A 39 -11.69 14.03 6.62
N THR A 40 -11.38 13.44 5.43
CA THR A 40 -10.69 12.17 5.42
C THR A 40 -9.29 12.26 6.09
N ARG A 41 -8.59 13.37 5.84
CA ARG A 41 -7.27 13.62 6.45
C ARG A 41 -7.39 13.59 7.96
N ARG A 42 -8.38 14.31 8.49
N ARG A 42 -8.39 14.28 8.50
CA ARG A 42 -8.58 14.32 9.95
CA ARG A 42 -8.51 14.27 9.96
C ARG A 42 -8.90 12.94 10.50
C ARG A 42 -8.90 12.91 10.51
N VAL A 43 -9.73 12.17 9.75
CA VAL A 43 -10.00 10.77 10.09
C VAL A 43 -8.69 9.98 10.24
N CYS A 44 -7.82 10.09 9.22
CA CYS A 44 -6.60 9.33 9.22
C CYS A 44 -5.62 9.76 10.33
N GLU A 45 -5.59 11.06 10.66
CA GLU A 45 -4.71 11.52 11.75
C GLU A 45 -5.20 11.15 13.10
N THR A 46 -6.49 10.74 13.22
CA THR A 46 -7.12 10.45 14.54
C THR A 46 -7.59 9.02 14.65
N ASN A 47 -7.42 8.19 13.59
CA ASN A 47 -7.89 6.79 13.53
C ASN A 47 -9.42 6.67 13.73
N ASP A 48 -10.12 7.63 13.15
CA ASP A 48 -11.60 7.66 13.29
C ASP A 48 -12.24 6.72 12.20
N LYS A 49 -13.57 6.62 12.25
CA LYS A 49 -14.34 5.83 11.32
C LYS A 49 -14.19 6.35 9.88
N ALA A 50 -14.31 5.44 8.91
CA ALA A 50 -14.16 5.80 7.50
C ALA A 50 -15.38 6.67 7.05
N PRO A 51 -15.16 7.76 6.29
CA PRO A 51 -16.27 8.61 5.81
C PRO A 51 -16.82 8.15 4.50
N LEU A 52 -18.14 8.05 4.36
CA LEU A 52 -18.81 7.75 3.09
C LEU A 52 -19.57 9.02 2.74
N PHE A 53 -19.18 9.71 1.66
CA PHE A 53 -19.78 10.92 1.19
C PHE A 53 -20.81 10.55 0.09
N ASN A 54 -22.11 10.53 0.52
CA ASN A 54 -23.20 10.15 -0.31
C ASN A 54 -23.80 11.32 -1.15
N ASN A 55 -23.37 12.54 -0.87
CA ASN A 55 -23.94 13.76 -1.46
C ASN A 55 -22.80 14.71 -1.83
N LEU A 56 -22.13 14.32 -2.91
N LEU A 56 -22.11 14.37 -2.93
CA LEU A 56 -20.93 15.03 -3.33
CA LEU A 56 -20.94 15.20 -3.39
C LEU A 56 -21.37 16.14 -4.34
C LEU A 56 -21.34 16.16 -4.39
N ILE A 57 -20.97 17.41 -4.12
CA ILE A 57 -21.30 18.54 -4.99
C ILE A 57 -20.65 18.27 -6.32
N GLY A 58 -21.46 18.20 -7.39
CA GLY A 58 -21.00 17.97 -8.75
C GLY A 58 -21.27 16.55 -9.20
N MET A 59 -21.86 15.69 -8.34
N MET A 59 -21.73 15.62 -8.38
CA MET A 59 -22.26 14.30 -8.74
CA MET A 59 -22.17 14.40 -9.02
C MET A 59 -23.46 14.35 -9.67
C MET A 59 -22.94 14.68 -10.35
N LYS A 60 -23.43 13.57 -10.77
N LYS A 60 -22.57 13.96 -11.41
CA LYS A 60 -24.35 13.64 -11.93
CA LYS A 60 -23.25 14.02 -12.66
C LYS A 60 -24.12 12.40 -12.73
C LYS A 60 -23.70 12.49 -12.98
N ASN A 61 -24.58 12.42 -13.98
N ASN A 61 -25.07 12.04 -12.90
CA ASN A 61 -24.69 11.15 -14.60
CA ASN A 61 -25.57 10.74 -13.62
C ASN A 61 -24.54 9.98 -13.54
C ASN A 61 -25.18 9.41 -12.86
N GLY A 62 -24.79 10.15 -12.20
N GLY A 62 -25.06 9.53 -11.54
CA GLY A 62 -24.68 9.01 -11.21
CA GLY A 62 -24.63 8.42 -10.70
C GLY A 62 -23.24 8.68 -10.68
C GLY A 62 -23.08 8.54 -10.49
N LEU A 63 -22.34 9.54 -11.06
CA LEU A 63 -20.89 9.57 -10.81
C LEU A 63 -20.56 10.79 -9.98
N PHE A 64 -20.13 10.63 -8.70
CA PHE A 64 -20.00 9.40 -7.93
C PHE A 64 -20.01 9.83 -6.46
N ARG A 65 -20.21 8.84 -5.58
CA ARG A 65 -20.03 8.98 -4.12
C ARG A 65 -18.54 8.72 -3.85
N ILE A 66 -18.04 9.09 -2.65
CA ILE A 66 -16.67 8.80 -2.27
C ILE A 66 -16.58 8.09 -0.92
N LEU A 67 -15.80 7.01 -0.82
CA LEU A 67 -15.38 6.44 0.47
C LEU A 67 -13.95 6.83 0.75
N GLY A 68 -13.71 7.57 1.83
CA GLY A 68 -12.34 7.88 2.27
C GLY A 68 -11.81 6.88 3.23
N ALA A 69 -10.44 6.84 3.35
CA ALA A 69 -9.78 6.08 4.38
C ALA A 69 -10.11 4.58 4.36
N PRO A 70 -10.14 3.97 3.15
CA PRO A 70 -10.54 2.54 3.11
C PRO A 70 -9.66 1.53 3.82
N GLY A 71 -8.34 1.87 3.95
CA GLY A 71 -7.35 1.01 4.53
C GLY A 71 -6.60 1.56 5.69
N SER A 72 -7.24 2.54 6.35
CA SER A 72 -6.64 3.21 7.49
C SER A 72 -6.96 2.52 8.82
N LEU A 73 -6.44 3.06 9.92
CA LEU A 73 -6.46 2.37 11.23
C LEU A 73 -7.70 2.75 12.06
N ARG A 74 -8.11 1.81 12.90
CA ARG A 74 -9.15 2.04 13.87
C ARG A 74 -8.47 2.41 15.18
N LYS A 75 -9.28 3.04 16.05
CA LYS A 75 -8.72 3.66 17.28
C LYS A 75 -8.29 2.62 18.30
N SER A 76 -9.07 1.60 18.49
N SER A 76 -9.09 1.62 18.49
CA SER A 76 -8.79 0.61 19.54
CA SER A 76 -8.87 0.59 19.49
C SER A 76 -7.63 -0.27 19.15
C SER A 76 -7.68 -0.31 19.15
N SER A 77 -6.85 -0.69 20.12
CA SER A 77 -5.78 -1.63 19.89
C SER A 77 -6.31 -3.00 19.46
N ALA A 78 -7.43 -3.47 19.97
CA ALA A 78 -7.87 -4.83 19.75
C ALA A 78 -8.23 -5.06 18.27
N ASP A 79 -8.80 -4.06 17.61
CA ASP A 79 -9.13 -4.14 16.21
C ASP A 79 -8.46 -3.06 15.35
N ARG A 80 -7.28 -2.64 15.74
CA ARG A 80 -6.53 -1.61 15.04
C ARG A 80 -6.49 -1.83 13.55
N TYR A 81 -6.28 -3.09 13.10
CA TYR A 81 -6.12 -3.37 11.70
C TYR A 81 -7.36 -3.97 11.06
N GLY A 82 -8.52 -3.74 11.70
CA GLY A 82 -9.75 -4.32 11.25
C GLY A 82 -10.18 -3.99 9.83
N ARG A 83 -9.90 -2.76 9.38
CA ARG A 83 -10.27 -2.40 8.02
C ARG A 83 -9.45 -3.24 6.99
N LEU A 84 -8.19 -3.48 7.30
N LEU A 84 -8.18 -3.50 7.30
CA LEU A 84 -7.40 -4.34 6.45
CA LEU A 84 -7.36 -4.42 6.46
C LEU A 84 -7.88 -5.78 6.54
C LEU A 84 -7.84 -5.85 6.55
N ALA A 85 -8.22 -6.27 7.75
CA ALA A 85 -8.77 -7.61 7.91
C ALA A 85 -10.02 -7.84 7.03
N ARG A 86 -10.85 -6.79 6.94
CA ARG A 86 -12.06 -6.86 6.13
C ARG A 86 -11.77 -6.88 4.64
N HIS A 87 -10.57 -6.58 4.20
CA HIS A 87 -10.15 -6.79 2.78
C HIS A 87 -9.88 -8.26 2.49
N LEU A 88 -9.80 -9.14 3.51
CA LEU A 88 -9.17 -10.43 3.40
C LEU A 88 -9.95 -11.56 4.04
N ALA A 89 -11.16 -11.31 4.50
CA ALA A 89 -11.99 -12.38 5.15
C ALA A 89 -11.43 -12.81 6.49
N LEU A 90 -10.51 -12.02 7.10
CA LEU A 90 -9.92 -12.31 8.37
C LEU A 90 -10.78 -11.71 9.52
N PRO A 91 -10.74 -12.31 10.71
CA PRO A 91 -11.37 -11.62 11.85
C PRO A 91 -10.87 -10.22 12.09
N PRO A 92 -11.74 -9.32 12.62
CA PRO A 92 -11.32 -7.93 12.74
C PRO A 92 -10.23 -7.68 13.79
N THR A 93 -9.97 -8.65 14.66
CA THR A 93 -8.90 -8.62 15.58
C THR A 93 -7.58 -9.21 15.06
N ALA A 94 -7.52 -9.52 13.78
CA ALA A 94 -6.32 -10.12 13.21
C ALA A 94 -5.05 -9.25 13.49
N SER A 95 -3.95 -9.87 13.82
CA SER A 95 -2.73 -9.18 13.95
C SER A 95 -2.07 -8.81 12.60
N MET A 96 -1.11 -7.89 12.62
N MET A 96 -1.13 -7.87 12.60
CA MET A 96 -0.35 -7.62 11.43
CA MET A 96 -0.37 -7.57 11.39
C MET A 96 0.35 -8.86 10.91
C MET A 96 0.37 -8.84 10.90
N ARG A 97 0.90 -9.69 11.79
CA ARG A 97 1.56 -10.93 11.34
C ARG A 97 0.57 -11.78 10.55
N GLU A 98 -0.69 -11.92 11.06
CA GLU A 98 -1.68 -12.76 10.34
C GLU A 98 -2.09 -12.13 9.03
N ILE A 99 -2.21 -10.81 8.95
CA ILE A 99 -2.49 -10.14 7.71
C ILE A 99 -1.39 -10.39 6.65
N LEU A 100 -0.16 -10.12 7.06
CA LEU A 100 0.98 -10.32 6.16
C LEU A 100 1.14 -11.81 5.74
N ASP A 101 0.94 -12.71 6.69
CA ASP A 101 0.98 -14.14 6.34
C ASP A 101 -0.10 -14.46 5.30
N LYS A 102 -1.31 -13.86 5.43
CA LYS A 102 -2.34 -14.10 4.43
C LYS A 102 -1.92 -13.57 3.09
N MET A 103 -1.30 -12.39 3.03
CA MET A 103 -0.83 -11.80 1.82
C MET A 103 0.32 -12.57 1.15
N LEU A 104 1.12 -13.29 1.92
CA LEU A 104 2.22 -14.09 1.42
C LEU A 104 1.78 -15.53 1.03
N SER A 105 0.63 -15.96 1.51
CA SER A 105 0.25 -17.37 1.42
C SER A 105 0.23 -17.94 0.00
N ALA A 106 -0.17 -17.11 -0.95
CA ALA A 106 -0.27 -17.51 -2.33
C ALA A 106 1.08 -17.72 -3.03
N SER A 107 2.17 -17.25 -2.40
N SER A 107 2.15 -17.23 -2.41
CA SER A 107 3.52 -17.36 -2.96
CA SER A 107 3.47 -17.31 -3.00
C SER A 107 4.03 -18.83 -2.96
C SER A 107 3.84 -18.76 -3.27
N ASP A 108 3.40 -19.75 -2.22
N ASP A 108 3.36 -19.62 -2.33
CA ASP A 108 3.74 -21.12 -2.51
CA ASP A 108 3.63 -21.08 -2.26
C ASP A 108 2.49 -21.97 -2.74
C ASP A 108 2.65 -22.00 -3.02
N MET A 109 1.63 -21.38 -3.58
CA MET A 109 0.48 -22.09 -4.13
C MET A 109 0.38 -21.93 -5.65
N PRO A 110 -0.21 -22.93 -6.36
CA PRO A 110 -0.47 -22.73 -7.77
C PRO A 110 -1.45 -21.52 -7.91
N PRO A 111 -1.25 -20.67 -8.94
CA PRO A 111 -2.30 -19.66 -9.24
C PRO A 111 -3.67 -20.29 -9.48
N ILE A 112 -4.70 -19.55 -9.18
CA ILE A 112 -6.07 -19.94 -9.59
C ILE A 112 -6.50 -18.87 -10.59
N PRO A 113 -6.49 -19.23 -11.89
CA PRO A 113 -6.80 -18.21 -12.90
C PRO A 113 -8.24 -17.69 -12.80
N PRO A 114 -8.50 -16.49 -13.25
CA PRO A 114 -9.85 -15.91 -13.16
C PRO A 114 -10.81 -16.61 -14.11
N THR A 115 -12.09 -16.38 -13.88
CA THR A 115 -13.20 -16.89 -14.65
C THR A 115 -13.88 -15.75 -15.36
N ILE A 116 -14.09 -15.92 -16.66
CA ILE A 116 -14.78 -14.91 -17.49
C ILE A 116 -16.24 -15.10 -17.37
N VAL A 117 -16.95 -14.04 -17.06
CA VAL A 117 -18.43 -14.04 -17.00
C VAL A 117 -18.93 -12.98 -17.97
N PRO A 118 -20.21 -13.14 -18.45
CA PRO A 118 -20.65 -12.29 -19.56
C PRO A 118 -21.01 -10.87 -19.20
N THR A 119 -21.33 -10.64 -17.90
CA THR A 119 -21.67 -9.28 -17.46
C THR A 119 -21.51 -9.20 -15.96
N GLY A 120 -21.70 -7.99 -15.42
CA GLY A 120 -21.66 -7.77 -13.97
C GLY A 120 -22.11 -6.37 -13.69
N PRO A 121 -22.13 -6.04 -12.35
CA PRO A 121 -22.58 -4.74 -11.94
C PRO A 121 -21.86 -3.53 -12.57
N CYS A 122 -20.57 -3.71 -12.90
CA CYS A 122 -19.81 -2.63 -13.52
C CYS A 122 -20.28 -2.22 -14.92
N LYS A 123 -21.27 -3.02 -15.50
CA LYS A 123 -21.88 -2.73 -16.78
C LYS A 123 -23.20 -2.08 -16.69
N GLU A 124 -23.63 -1.74 -15.48
CA GLU A 124 -25.00 -1.16 -15.26
C GLU A 124 -25.23 0.17 -15.98
N ASN A 125 -24.17 0.96 -16.20
CA ASN A 125 -24.24 2.26 -16.86
C ASN A 125 -22.98 2.39 -17.74
N SER A 126 -23.09 3.19 -18.79
CA SER A 126 -21.95 3.53 -19.61
C SER A 126 -22.05 4.94 -20.13
N LEU A 127 -20.87 5.49 -20.44
CA LEU A 127 -20.73 6.75 -21.12
C LEU A 127 -19.68 6.58 -22.16
N ASP A 128 -20.07 6.81 -23.41
CA ASP A 128 -19.11 6.85 -24.48
C ASP A 128 -18.32 8.18 -24.55
N ASP A 129 -17.38 8.27 -25.49
N ASP A 129 -17.38 8.27 -25.49
CA ASP A 129 -16.55 9.46 -25.66
CA ASP A 129 -16.58 9.48 -25.70
C ASP A 129 -17.23 10.76 -26.15
C ASP A 129 -17.34 10.82 -25.87
N SER A 130 -18.55 10.74 -26.40
CA SER A 130 -19.34 11.97 -26.66
C SER A 130 -20.16 12.36 -25.45
N GLU A 131 -20.15 11.50 -24.41
CA GLU A 131 -21.05 11.68 -23.28
C GLU A 131 -20.32 12.08 -21.97
N PHE A 132 -19.05 11.73 -21.77
CA PHE A 132 -18.39 12.11 -20.54
C PHE A 132 -17.44 13.24 -20.75
N ASP A 133 -17.17 13.91 -19.63
CA ASP A 133 -16.10 14.91 -19.54
C ASP A 133 -15.45 14.82 -18.17
N LEU A 134 -14.21 14.35 -18.08
CA LEU A 134 -13.57 14.13 -16.78
C LEU A 134 -13.49 15.40 -15.94
N THR A 135 -13.41 16.57 -16.60
CA THR A 135 -13.38 17.83 -15.89
C THR A 135 -14.72 18.23 -15.26
N GLU A 136 -15.78 17.51 -15.66
CA GLU A 136 -17.12 17.81 -15.12
C GLU A 136 -17.49 16.89 -13.95
N LEU A 137 -16.76 15.80 -13.75
CA LEU A 137 -17.04 14.89 -12.70
C LEU A 137 -16.58 15.53 -11.34
N PRO A 138 -17.04 15.00 -10.18
CA PRO A 138 -16.65 15.55 -8.85
C PRO A 138 -15.33 14.98 -8.35
N VAL A 139 -14.31 15.04 -9.21
CA VAL A 139 -13.01 14.57 -8.87
C VAL A 139 -12.42 15.47 -7.74
N PRO A 140 -11.86 14.83 -6.70
CA PRO A 140 -11.41 15.66 -5.57
C PRO A 140 -10.11 16.35 -5.82
N LEU A 141 -10.03 17.57 -5.29
CA LEU A 141 -8.74 18.26 -4.96
C LEU A 141 -8.37 17.79 -3.56
N ILE A 142 -7.30 17.02 -3.42
CA ILE A 142 -7.01 16.31 -2.16
C ILE A 142 -6.16 17.15 -1.19
N HIS A 143 -5.24 17.94 -1.71
CA HIS A 143 -4.40 18.84 -0.90
C HIS A 143 -4.39 20.21 -1.59
N LYS A 144 -4.34 21.31 -0.83
N LYS A 144 -4.37 21.34 -0.87
CA LYS A 144 -4.55 22.60 -1.46
CA LYS A 144 -4.58 22.62 -1.56
C LYS A 144 -3.55 22.98 -2.56
C LYS A 144 -3.57 22.93 -2.64
N SER A 145 -2.31 22.46 -2.47
CA SER A 145 -1.29 22.74 -3.44
C SER A 145 -1.09 21.69 -4.52
N ASP A 146 -1.97 20.72 -4.58
CA ASP A 146 -1.85 19.70 -5.63
C ASP A 146 -1.97 20.34 -7.02
N GLY A 147 -1.23 19.73 -7.96
CA GLY A 147 -1.22 20.20 -9.33
C GLY A 147 -2.30 19.75 -10.20
N GLY A 148 -3.28 19.05 -9.64
CA GLY A 148 -4.47 18.55 -10.36
C GLY A 148 -5.39 17.85 -9.41
N LYS A 149 -6.53 17.45 -9.94
N LYS A 149 -6.53 17.46 -9.96
CA LYS A 149 -7.55 16.71 -9.21
CA LYS A 149 -7.60 16.71 -9.31
C LYS A 149 -7.25 15.24 -9.42
C LYS A 149 -7.24 15.23 -9.43
N TYR A 150 -6.88 14.62 -8.30
CA TYR A 150 -6.36 13.22 -8.28
C TYR A 150 -7.51 12.25 -8.20
N ILE A 151 -8.06 11.90 -9.37
CA ILE A 151 -9.10 10.88 -9.51
C ILE A 151 -8.65 9.56 -9.02
N GLN A 152 -7.35 9.24 -9.21
CA GLN A 152 -6.86 7.92 -8.97
C GLN A 152 -5.86 7.87 -7.78
N THR A 153 -6.42 7.45 -6.65
CA THR A 153 -5.71 7.20 -5.48
C THR A 153 -5.95 5.82 -4.84
N TYR A 154 -6.95 5.05 -5.36
CA TYR A 154 -7.26 3.75 -4.79
C TYR A 154 -7.90 2.80 -5.80
N GLY A 155 -7.74 3.07 -7.10
CA GLY A 155 -8.09 2.15 -8.14
C GLY A 155 -6.91 1.33 -8.61
N MET A 156 -7.22 0.38 -9.48
CA MET A 156 -6.27 -0.63 -9.98
C MET A 156 -6.08 -0.41 -11.47
N HIS A 157 -4.83 -0.09 -11.85
CA HIS A 157 -4.46 -0.07 -13.27
C HIS A 157 -4.24 -1.50 -13.73
N ILE A 158 -4.75 -1.79 -14.94
CA ILE A 158 -4.67 -3.10 -15.58
C ILE A 158 -3.97 -2.89 -16.96
N VAL A 159 -2.77 -3.52 -17.07
CA VAL A 159 -2.02 -3.55 -18.33
C VAL A 159 -1.51 -4.96 -18.47
N GLN A 160 -1.26 -5.33 -19.76
CA GLN A 160 -0.85 -6.68 -20.12
C GLN A 160 0.40 -6.61 -21.04
N SER A 161 1.34 -7.53 -20.83
CA SER A 161 2.50 -7.61 -21.74
C SER A 161 2.08 -7.81 -23.18
N PRO A 162 2.87 -7.32 -24.14
CA PRO A 162 2.50 -7.53 -25.55
C PRO A 162 2.23 -8.96 -25.91
N ASP A 163 2.94 -9.90 -25.32
CA ASP A 163 2.77 -11.30 -25.67
C ASP A 163 1.59 -11.96 -24.98
N GLY A 164 0.87 -11.22 -24.08
CA GLY A 164 -0.29 -11.73 -23.43
C GLY A 164 -0.06 -12.58 -22.22
N THR A 165 1.17 -12.85 -21.82
CA THR A 165 1.46 -13.84 -20.82
C THR A 165 1.44 -13.30 -19.36
N TRP A 166 1.44 -11.97 -19.18
CA TRP A 166 1.43 -11.36 -17.82
C TRP A 166 0.46 -10.18 -17.88
N THR A 167 -0.52 -10.25 -16.95
CA THR A 167 -1.45 -9.13 -16.76
C THR A 167 -1.19 -8.59 -15.33
N ASN A 168 -0.79 -7.31 -15.24
CA ASN A 168 -0.45 -6.71 -13.97
C ASN A 168 -1.57 -5.82 -13.49
N TRP A 169 -1.79 -5.90 -12.15
CA TRP A 169 -2.72 -5.04 -11.40
C TRP A 169 -1.88 -4.25 -10.33
N SER A 170 -2.01 -2.93 -10.38
CA SER A 170 -1.24 -2.10 -9.43
C SER A 170 -1.91 -0.76 -9.25
N ILE A 171 -1.56 -0.12 -8.13
CA ILE A 171 -1.98 1.27 -7.79
C ILE A 171 -0.82 2.15 -8.21
N ALA A 172 -1.04 3.14 -9.02
CA ALA A 172 -0.16 4.28 -9.30
C ALA A 172 -1.02 5.52 -9.44
N ARG A 173 -0.59 6.67 -8.92
CA ARG A 173 -1.46 7.84 -8.87
C ARG A 173 -1.75 8.34 -10.30
N ALA A 174 -2.89 9.01 -10.44
CA ALA A 174 -3.14 9.75 -11.70
C ALA A 174 -4.16 10.88 -11.41
N MET A 175 -4.04 11.94 -12.20
CA MET A 175 -4.87 13.13 -12.10
C MET A 175 -5.47 13.48 -13.46
N VAL A 176 -6.56 14.23 -13.42
CA VAL A 176 -7.24 14.66 -14.65
C VAL A 176 -6.37 15.71 -15.41
N HIS A 177 -6.17 15.46 -16.69
CA HIS A 177 -5.48 16.39 -17.62
C HIS A 177 -6.47 17.28 -18.37
N ASP A 178 -7.51 16.62 -18.97
CA ASP A 178 -8.54 17.31 -19.69
C ASP A 178 -9.75 16.42 -19.77
N LYS A 179 -10.69 16.75 -20.66
CA LYS A 179 -11.96 16.01 -20.67
C LYS A 179 -11.83 14.51 -20.88
N ASN A 180 -10.78 14.07 -21.58
CA ASN A 180 -10.60 12.66 -21.89
C ASN A 180 -9.19 12.11 -21.67
N HIS A 181 -8.39 12.74 -20.84
CA HIS A 181 -7.06 12.26 -20.55
C HIS A 181 -6.72 12.44 -19.06
N LEU A 182 -5.85 11.55 -18.58
CA LEU A 182 -5.22 11.65 -17.25
C LEU A 182 -3.69 11.74 -17.48
N THR A 183 -3.00 12.29 -16.47
CA THR A 183 -1.57 12.11 -16.37
C THR A 183 -1.24 11.42 -15.07
N GLY A 184 -0.13 10.68 -14.99
CA GLY A 184 0.20 9.99 -13.76
C GLY A 184 1.65 9.55 -13.72
N LEU A 185 2.07 8.95 -12.63
N LEU A 185 2.02 8.88 -12.67
CA LEU A 185 3.38 8.34 -12.49
CA LEU A 185 3.37 8.51 -12.41
C LEU A 185 3.47 6.97 -13.00
C LEU A 185 3.55 7.03 -12.90
N VAL A 186 4.43 6.81 -13.88
CA VAL A 186 4.78 5.48 -14.43
C VAL A 186 6.32 5.45 -14.38
N ILE A 187 6.89 4.87 -13.33
CA ILE A 187 8.33 5.04 -13.05
C ILE A 187 8.96 3.69 -12.74
N PRO A 188 10.27 3.55 -13.02
CA PRO A 188 10.94 2.28 -12.69
C PRO A 188 11.05 2.18 -11.14
N PRO A 189 11.09 0.97 -10.58
CA PRO A 189 11.09 -0.31 -11.27
C PRO A 189 9.66 -0.94 -11.33
N GLN A 190 8.64 -0.10 -11.28
CA GLN A 190 7.24 -0.59 -11.08
C GLN A 190 6.79 -1.39 -12.27
N HIS A 191 5.89 -2.36 -12.05
CA HIS A 191 5.46 -3.23 -13.13
C HIS A 191 4.68 -2.51 -14.20
N ILE A 192 3.93 -1.46 -13.93
CA ILE A 192 3.29 -0.72 -14.97
C ILE A 192 4.35 -0.12 -15.91
N TRP A 193 5.46 0.38 -15.33
CA TRP A 193 6.59 0.82 -16.14
C TRP A 193 7.25 -0.26 -16.95
N GLN A 194 7.52 -1.39 -16.28
CA GLN A 194 8.15 -2.49 -17.01
C GLN A 194 7.35 -2.88 -18.23
N ILE A 195 6.04 -3.02 -18.05
CA ILE A 195 5.12 -3.36 -19.21
C ILE A 195 5.11 -2.24 -20.24
N HIS A 196 5.02 -1.00 -19.79
N HIS A 196 5.01 -0.98 -19.80
CA HIS A 196 5.02 0.12 -20.71
CA HIS A 196 5.07 0.17 -20.69
C HIS A 196 6.29 0.06 -21.60
C HIS A 196 6.30 0.11 -21.60
N GLN A 197 7.44 -0.24 -21.00
CA GLN A 197 8.72 -0.32 -21.77
C GLN A 197 8.64 -1.42 -22.82
N MET A 198 7.97 -2.55 -22.56
CA MET A 198 7.81 -3.59 -23.52
C MET A 198 7.07 -3.04 -24.75
N TRP A 199 5.97 -2.34 -24.52
CA TRP A 199 5.21 -1.75 -25.59
C TRP A 199 5.99 -0.68 -26.37
N LYS A 200 6.71 0.12 -25.65
N LYS A 200 6.71 0.15 -25.64
CA LYS A 200 7.51 1.17 -26.29
CA LYS A 200 7.54 1.17 -26.26
C LYS A 200 8.56 0.57 -27.22
C LYS A 200 8.56 0.57 -27.23
N LYS A 201 9.20 -0.52 -26.79
CA LYS A 201 10.22 -1.18 -27.62
C LYS A 201 9.60 -1.83 -28.88
N GLU A 202 8.38 -2.37 -28.72
CA GLU A 202 7.71 -2.88 -29.88
C GLU A 202 7.32 -1.76 -30.85
N GLY A 203 6.98 -0.59 -30.32
CA GLY A 203 6.82 0.62 -31.10
C GLY A 203 5.65 0.78 -32.02
N ARG A 204 4.68 -0.11 -31.92
CA ARG A 204 3.57 -0.20 -32.86
C ARG A 204 2.32 0.47 -32.37
N SER A 205 2.04 0.40 -31.06
N SER A 205 2.11 0.49 -31.05
CA SER A 205 0.79 1.03 -30.56
CA SER A 205 0.75 0.70 -30.48
C SER A 205 0.92 1.44 -29.13
C SER A 205 0.86 1.31 -29.10
N ASP A 206 0.00 2.29 -28.78
CA ASP A 206 -0.22 2.63 -27.36
C ASP A 206 -0.63 1.40 -26.57
N VAL A 207 -0.50 1.41 -25.26
CA VAL A 207 -0.77 0.27 -24.39
C VAL A 207 -2.27 0.17 -24.11
N PRO A 208 -2.95 -0.95 -24.46
CA PRO A 208 -4.32 -1.08 -23.99
C PRO A 208 -4.37 -1.04 -22.46
N TRP A 209 -5.35 -0.33 -21.92
CA TRP A 209 -5.39 -0.06 -20.49
C TRP A 209 -6.79 -0.01 -20.00
N ALA A 210 -6.94 -0.35 -18.73
CA ALA A 210 -8.18 -0.08 -17.99
C ALA A 210 -7.75 0.35 -16.56
N LEU A 211 -8.63 1.09 -15.92
CA LEU A 211 -8.43 1.53 -14.53
C LEU A 211 -9.79 1.28 -13.87
N ALA A 212 -9.76 0.36 -12.87
CA ALA A 212 -10.95 -0.04 -12.19
C ALA A 212 -10.93 0.44 -10.75
N PHE A 213 -11.96 1.17 -10.36
CA PHE A 213 -12.10 1.72 -9.01
C PHE A 213 -13.16 0.90 -8.23
N GLY A 214 -12.93 0.73 -6.94
CA GLY A 214 -13.85 -0.09 -6.17
C GLY A 214 -13.87 -1.50 -6.59
N VAL A 215 -12.67 -2.05 -6.74
CA VAL A 215 -12.46 -3.46 -7.04
C VAL A 215 -12.61 -4.34 -5.82
N PRO A 216 -12.64 -5.67 -5.99
CA PRO A 216 -12.63 -6.56 -4.83
C PRO A 216 -11.52 -6.17 -3.83
N PRO A 217 -11.83 -6.01 -2.58
CA PRO A 217 -10.81 -5.62 -1.61
C PRO A 217 -9.58 -6.53 -1.66
N ALA A 218 -9.71 -7.85 -1.85
CA ALA A 218 -8.51 -8.69 -1.84
C ALA A 218 -7.63 -8.33 -3.02
N ALA A 219 -8.22 -7.91 -4.13
CA ALA A 219 -7.49 -7.47 -5.30
C ALA A 219 -6.76 -6.17 -5.11
N ILE A 220 -7.32 -5.18 -4.42
CA ILE A 220 -6.60 -3.93 -4.21
C ILE A 220 -5.41 -4.14 -3.26
N MET A 221 -5.54 -5.10 -2.35
N MET A 221 -5.53 -5.13 -2.36
CA MET A 221 -4.38 -5.41 -1.52
CA MET A 221 -4.39 -5.47 -1.50
C MET A 221 -3.25 -5.99 -2.34
C MET A 221 -3.25 -6.01 -2.31
N ALA A 222 -3.50 -6.98 -3.21
CA ALA A 222 -2.39 -7.48 -4.07
C ALA A 222 -1.90 -6.42 -5.04
N SER A 223 -2.76 -5.49 -5.45
CA SER A 223 -2.37 -4.39 -6.32
C SER A 223 -1.31 -3.50 -5.69
N SER A 224 -1.31 -3.44 -4.35
N SER A 224 -1.33 -3.41 -4.35
CA SER A 224 -0.43 -2.62 -3.57
CA SER A 224 -0.40 -2.59 -3.62
C SER A 224 0.85 -3.32 -3.10
C SER A 224 0.87 -3.32 -3.17
N MET A 225 0.98 -4.60 -3.42
CA MET A 225 2.10 -5.45 -2.94
C MET A 225 3.04 -5.74 -4.06
N PRO A 226 4.34 -5.75 -3.79
CA PRO A 226 5.34 -6.05 -4.88
C PRO A 226 5.56 -7.54 -5.01
N ILE A 227 4.55 -8.27 -5.46
CA ILE A 227 4.73 -9.69 -5.81
C ILE A 227 5.64 -9.76 -7.03
N PRO A 228 6.21 -10.94 -7.33
CA PRO A 228 7.30 -10.98 -8.30
C PRO A 228 6.91 -10.52 -9.72
N ASP A 229 8.01 -10.13 -10.43
CA ASP A 229 7.95 -9.86 -11.85
C ASP A 229 7.30 -11.05 -12.62
N GLY A 230 6.41 -10.73 -13.52
CA GLY A 230 5.84 -11.76 -14.40
C GLY A 230 4.67 -12.49 -13.79
N VAL A 231 4.29 -12.24 -12.51
CA VAL A 231 3.19 -12.89 -11.85
C VAL A 231 1.90 -12.10 -12.03
N THR A 232 0.86 -12.71 -12.59
CA THR A 232 -0.41 -12.08 -12.78
C THR A 232 -1.12 -12.00 -11.42
N GLU A 233 -1.35 -10.79 -10.96
CA GLU A 233 -2.04 -10.58 -9.68
C GLU A 233 -3.36 -11.35 -9.62
N ALA A 234 -4.16 -11.45 -10.71
CA ALA A 234 -5.50 -12.07 -10.60
C ALA A 234 -5.38 -13.51 -10.09
N GLY A 235 -4.36 -14.26 -10.54
CA GLY A 235 -4.13 -15.67 -10.16
C GLY A 235 -3.60 -15.81 -8.74
N TYR A 236 -2.82 -14.82 -8.31
CA TYR A 236 -2.29 -14.77 -6.91
C TYR A 236 -3.47 -14.54 -5.94
N VAL A 237 -4.31 -13.56 -6.29
CA VAL A 237 -5.48 -13.30 -5.45
C VAL A 237 -6.46 -14.49 -5.47
N GLY A 238 -6.62 -15.14 -6.62
CA GLY A 238 -7.39 -16.38 -6.64
C GLY A 238 -6.87 -17.41 -5.63
N ALA A 239 -5.53 -17.68 -5.70
CA ALA A 239 -4.96 -18.62 -4.75
C ALA A 239 -5.15 -18.19 -3.29
N MET A 240 -4.87 -16.93 -3.00
N MET A 240 -4.91 -16.91 -3.03
CA MET A 240 -4.98 -16.40 -1.65
CA MET A 240 -4.97 -16.35 -1.68
C MET A 240 -6.40 -16.61 -1.08
C MET A 240 -6.38 -16.51 -1.08
N THR A 241 -7.41 -16.30 -1.88
CA THR A 241 -8.77 -16.35 -1.44
C THR A 241 -9.39 -17.75 -1.58
N GLY A 242 -8.71 -18.63 -2.28
CA GLY A 242 -9.24 -19.95 -2.56
C GLY A 242 -10.30 -20.00 -3.62
N SER A 243 -10.53 -18.94 -4.38
CA SER A 243 -11.56 -18.84 -5.39
C SER A 243 -11.13 -18.14 -6.62
N SER A 244 -11.63 -18.52 -7.77
CA SER A 244 -11.35 -17.86 -9.03
C SER A 244 -12.10 -16.54 -9.08
N LEU A 245 -11.40 -15.43 -9.35
CA LEU A 245 -12.10 -14.13 -9.46
C LEU A 245 -12.90 -14.07 -10.78
N GLU A 246 -14.08 -13.48 -10.68
CA GLU A 246 -14.95 -13.28 -11.79
C GLU A 246 -14.63 -11.96 -12.49
N LEU A 247 -14.27 -12.01 -13.76
CA LEU A 247 -13.92 -10.85 -14.58
C LEU A 247 -14.84 -10.74 -15.79
N VAL A 248 -15.11 -9.52 -16.25
N VAL A 248 -15.01 -9.54 -16.31
CA VAL A 248 -15.83 -9.25 -17.50
CA VAL A 248 -15.82 -9.31 -17.50
C VAL A 248 -14.94 -8.49 -18.48
C VAL A 248 -14.95 -8.51 -18.48
N LYS A 249 -15.09 -8.73 -19.75
CA LYS A 249 -14.31 -8.03 -20.76
C LYS A 249 -14.72 -6.54 -20.83
N CYS A 250 -13.70 -5.68 -21.01
CA CYS A 250 -13.95 -4.30 -21.38
C CYS A 250 -14.79 -4.27 -22.67
N ASP A 251 -15.42 -3.15 -22.89
CA ASP A 251 -16.17 -2.97 -24.14
C ASP A 251 -15.31 -2.58 -25.35
N THR A 252 -14.30 -1.76 -25.14
CA THR A 252 -13.49 -1.17 -26.17
C THR A 252 -12.16 -1.76 -26.29
N ASN A 253 -11.81 -2.76 -25.49
CA ASN A 253 -10.53 -3.50 -25.65
C ASN A 253 -10.73 -4.87 -25.05
N ASP A 254 -9.72 -5.75 -25.11
CA ASP A 254 -9.83 -7.09 -24.69
C ASP A 254 -9.24 -7.40 -23.33
N LEU A 255 -9.03 -6.37 -22.51
CA LEU A 255 -8.71 -6.55 -21.13
C LEU A 255 -9.95 -6.92 -20.32
N TYR A 256 -9.73 -7.47 -19.13
CA TYR A 256 -10.75 -7.98 -18.26
C TYR A 256 -10.70 -7.31 -16.90
N VAL A 257 -11.84 -6.88 -16.43
CA VAL A 257 -11.94 -6.12 -15.20
C VAL A 257 -12.81 -6.87 -14.21
N PRO A 258 -12.66 -6.66 -12.88
CA PRO A 258 -13.54 -7.34 -11.93
C PRO A 258 -15.00 -7.02 -12.21
N ALA A 259 -15.82 -8.08 -12.17
CA ALA A 259 -17.25 -7.93 -12.48
C ALA A 259 -18.01 -6.91 -11.67
N THR A 260 -17.62 -6.79 -10.38
CA THR A 260 -18.27 -5.88 -9.47
C THR A 260 -17.58 -4.51 -9.26
N SER A 261 -16.63 -4.21 -10.15
CA SER A 261 -15.97 -2.90 -10.09
C SER A 261 -17.02 -1.76 -10.01
N GLU A 262 -16.78 -0.76 -9.15
CA GLU A 262 -17.68 0.39 -9.07
C GLU A 262 -17.69 1.26 -10.34
N ILE A 263 -16.45 1.54 -10.84
CA ILE A 263 -16.25 2.43 -11.95
C ILE A 263 -15.09 1.91 -12.78
N VAL A 264 -15.21 1.88 -14.10
CA VAL A 264 -14.15 1.43 -14.99
C VAL A 264 -13.90 2.45 -16.07
N LEU A 265 -12.60 2.85 -16.19
CA LEU A 265 -12.16 3.64 -17.33
C LEU A 265 -11.47 2.71 -18.31
N GLU A 266 -11.78 2.81 -19.59
CA GLU A 266 -11.09 2.02 -20.66
C GLU A 266 -10.39 2.99 -21.58
N GLY A 267 -9.19 2.64 -22.00
CA GLY A 267 -8.49 3.49 -22.94
C GLY A 267 -7.10 3.02 -23.22
N THR A 268 -6.17 3.96 -23.34
CA THR A 268 -4.81 3.61 -23.70
C THR A 268 -3.84 4.44 -22.84
N LEU A 269 -2.67 3.88 -22.57
CA LEU A 269 -1.51 4.56 -21.99
C LEU A 269 -0.54 4.82 -23.13
N SER A 270 -0.19 6.10 -23.35
CA SER A 270 0.57 6.45 -24.52
C SER A 270 2.00 5.92 -24.42
N ILE A 271 2.51 5.41 -25.56
CA ILE A 271 3.96 5.17 -25.65
C ILE A 271 4.81 6.38 -26.12
N SER A 272 4.15 7.50 -26.41
CA SER A 272 4.84 8.69 -26.96
C SER A 272 4.59 10.03 -26.30
N GLU A 273 3.42 10.21 -25.71
CA GLU A 273 2.94 11.48 -25.19
C GLU A 273 3.10 11.53 -23.70
N THR A 274 3.29 12.74 -23.21
CA THR A 274 3.40 13.05 -21.78
C THR A 274 2.56 14.32 -21.51
N GLY A 275 2.35 14.62 -20.22
CA GLY A 275 1.75 15.87 -19.89
C GLY A 275 2.10 16.25 -18.44
N PRO A 276 1.78 17.50 -18.03
CA PRO A 276 2.15 17.96 -16.69
C PRO A 276 1.51 17.08 -15.60
N GLU A 277 2.23 16.69 -14.58
CA GLU A 277 1.76 15.85 -13.51
C GLU A 277 2.35 16.35 -12.19
N GLY A 278 1.54 16.33 -11.14
CA GLY A 278 1.95 16.77 -9.86
C GLY A 278 2.04 18.30 -9.76
N PRO A 279 2.45 18.78 -8.58
CA PRO A 279 2.85 18.00 -7.43
C PRO A 279 1.61 17.37 -6.70
N PHE A 280 1.92 16.48 -5.77
CA PHE A 280 0.94 15.74 -4.97
C PHE A 280 1.38 15.59 -3.54
N GLY A 281 0.51 15.77 -2.58
CA GLY A 281 0.81 15.50 -1.19
C GLY A 281 0.98 14.03 -0.96
N GLU A 282 2.20 13.62 -0.63
CA GLU A 282 2.66 12.24 -0.74
C GLU A 282 2.86 11.53 0.61
N MET A 283 3.20 10.22 0.50
CA MET A 283 3.24 9.32 1.63
C MET A 283 4.19 9.73 2.76
N HIS A 284 5.26 10.48 2.45
CA HIS A 284 6.19 10.87 3.45
C HIS A 284 5.76 12.10 4.27
N GLY A 285 4.66 12.72 3.88
CA GLY A 285 4.10 13.83 4.58
C GLY A 285 4.32 15.22 4.01
N TYR A 286 4.68 15.32 2.72
CA TYR A 286 5.08 16.57 2.12
C TYR A 286 4.42 16.88 0.81
N ILE A 287 4.27 18.14 0.45
CA ILE A 287 4.09 18.55 -0.91
C ILE A 287 5.04 19.74 -1.15
N PHE A 288 5.65 19.76 -2.35
CA PHE A 288 6.56 20.84 -2.81
C PHE A 288 5.76 21.63 -3.85
N PRO A 289 5.09 22.73 -3.42
N PRO A 289 5.10 22.74 -3.45
CA PRO A 289 4.23 23.43 -4.36
CA PRO A 289 4.22 23.45 -4.41
C PRO A 289 4.97 23.90 -5.58
C PRO A 289 4.83 23.81 -5.74
N GLY A 290 4.31 23.74 -6.72
N GLY A 290 6.15 24.01 -5.80
CA GLY A 290 4.93 24.16 -7.95
CA GLY A 290 6.70 24.40 -7.06
C GLY A 290 5.78 23.12 -8.61
C GLY A 290 6.99 23.26 -8.05
N ASP A 291 6.26 22.07 -7.93
CA ASP A 291 7.13 20.97 -8.54
C ASP A 291 6.28 20.13 -9.45
N THR A 292 5.89 20.65 -10.57
CA THR A 292 5.28 19.88 -11.72
C THR A 292 6.36 19.33 -12.67
N HIS A 293 6.19 18.08 -13.14
CA HIS A 293 7.11 17.47 -14.10
C HIS A 293 6.23 16.76 -15.11
N LEU A 294 6.78 16.34 -16.21
CA LEU A 294 6.06 15.57 -17.26
C LEU A 294 5.87 14.16 -16.72
N GLY A 295 4.60 13.69 -16.80
CA GLY A 295 4.26 12.34 -16.52
C GLY A 295 3.64 11.62 -17.67
N ALA A 296 3.40 10.31 -17.46
CA ALA A 296 2.71 9.47 -18.44
C ALA A 296 1.30 10.08 -18.71
N LYS A 297 0.80 9.80 -19.91
CA LYS A 297 -0.52 10.28 -20.35
C LYS A 297 -1.37 9.11 -20.81
N TYR A 298 -2.61 9.14 -20.31
CA TYR A 298 -3.67 8.13 -20.55
C TYR A 298 -4.80 8.81 -21.30
N LYS A 299 -5.35 8.15 -22.32
CA LYS A 299 -6.56 8.50 -22.99
C LYS A 299 -7.71 7.62 -22.53
N VAL A 300 -8.81 8.25 -22.16
CA VAL A 300 -10.00 7.53 -21.74
C VAL A 300 -11.01 7.57 -22.90
N ASN A 301 -11.47 6.39 -23.35
CA ASN A 301 -12.45 6.18 -24.40
C ASN A 301 -13.83 5.88 -23.90
N ARG A 302 -13.96 5.28 -22.75
CA ARG A 302 -15.21 4.81 -22.25
C ARG A 302 -15.19 4.73 -20.71
N ILE A 303 -16.36 4.99 -20.12
CA ILE A 303 -16.57 4.82 -18.65
C ILE A 303 -17.77 3.85 -18.54
N THR A 304 -17.59 2.82 -17.71
CA THR A 304 -18.70 2.02 -17.29
C THR A 304 -18.79 2.05 -15.75
N TYR A 305 -19.97 1.88 -15.14
CA TYR A 305 -20.07 2.00 -13.73
C TYR A 305 -21.40 1.39 -13.17
N ARG A 306 -21.30 1.02 -11.92
CA ARG A 306 -22.46 0.58 -11.12
C ARG A 306 -23.41 1.69 -10.88
N ASN A 307 -24.71 1.33 -10.76
CA ASN A 307 -25.67 2.25 -10.16
C ASN A 307 -25.15 2.73 -8.80
N ASN A 308 -25.27 4.02 -8.57
CA ASN A 308 -24.84 4.65 -7.28
C ASN A 308 -23.38 4.35 -6.98
N ALA A 309 -22.54 4.41 -7.98
CA ALA A 309 -21.08 4.16 -7.91
C ALA A 309 -20.45 4.91 -6.77
N ILE A 310 -19.50 4.19 -6.14
CA ILE A 310 -18.66 4.76 -5.05
C ILE A 310 -17.18 4.70 -5.50
N MET A 311 -16.55 5.87 -5.42
CA MET A 311 -15.09 6.03 -5.65
C MET A 311 -14.32 5.98 -4.34
N PRO A 312 -13.44 4.99 -4.13
CA PRO A 312 -12.60 5.07 -2.92
C PRO A 312 -11.50 6.10 -3.15
N MET A 313 -11.08 6.76 -2.08
CA MET A 313 -10.06 7.83 -2.06
C MET A 313 -9.15 7.68 -0.87
N SER A 314 -7.81 7.80 -1.13
CA SER A 314 -6.80 7.97 -0.10
C SER A 314 -6.39 9.41 0.04
N SER A 315 -6.64 10.04 1.20
CA SER A 315 -6.17 11.40 1.47
C SER A 315 -4.84 11.25 2.21
N CYS A 316 -3.78 11.04 1.41
CA CYS A 316 -2.50 10.60 1.94
C CYS A 316 -1.59 11.75 2.40
N GLY A 317 -0.69 11.41 3.32
CA GLY A 317 0.27 12.38 3.86
C GLY A 317 0.85 11.89 5.16
N ARG A 318 0.83 12.73 6.20
CA ARG A 318 1.29 12.36 7.51
C ARG A 318 0.46 11.21 8.11
N LEU A 319 0.96 10.53 9.11
CA LEU A 319 0.42 9.28 9.61
C LEU A 319 -1.05 9.47 10.03
N THR A 320 -1.92 8.45 9.80
CA THR A 320 -1.68 7.13 9.21
C THR A 320 -2.71 6.86 8.12
N ASP A 321 -2.27 6.46 6.94
CA ASP A 321 -3.19 6.17 5.87
C ASP A 321 -2.75 4.96 5.09
N GLU A 322 -3.36 4.72 3.97
CA GLU A 322 -3.12 3.57 3.09
C GLU A 322 -1.66 3.50 2.61
N THR A 323 -1.04 4.64 2.45
CA THR A 323 0.35 4.65 1.96
C THR A 323 1.28 4.11 3.03
N HIS A 324 0.89 4.08 4.29
CA HIS A 324 1.70 3.54 5.39
C HIS A 324 1.30 2.12 5.64
N THR A 325 -0.01 1.90 5.81
CA THR A 325 -0.54 0.61 6.26
C THR A 325 -0.32 -0.45 5.16
N MET A 326 -0.43 -0.05 3.87
CA MET A 326 -0.38 -0.96 2.72
C MET A 326 0.97 -0.92 2.03
N ILE A 327 1.49 0.25 1.60
CA ILE A 327 2.75 0.28 0.91
C ILE A 327 3.84 -0.31 1.84
N GLY A 328 3.97 0.25 3.07
CA GLY A 328 5.01 -0.17 3.91
C GLY A 328 4.95 -1.61 4.38
N SER A 329 3.75 -2.01 4.83
CA SER A 329 3.62 -3.36 5.44
C SER A 329 3.77 -4.45 4.37
N LEU A 330 3.19 -4.19 3.19
CA LEU A 330 3.21 -5.20 2.13
C LEU A 330 4.63 -5.34 1.52
N ALA A 331 5.38 -4.19 1.45
CA ALA A 331 6.79 -4.29 1.04
C ALA A 331 7.53 -5.08 2.08
N ALA A 332 7.31 -4.83 3.41
CA ALA A 332 7.98 -5.56 4.43
C ALA A 332 7.73 -7.08 4.32
N ALA A 333 6.46 -7.44 4.07
CA ALA A 333 6.11 -8.84 3.89
C ALA A 333 6.98 -9.53 2.80
N GLU A 334 6.99 -8.87 1.62
CA GLU A 334 7.74 -9.40 0.49
C GLU A 334 9.21 -9.48 0.81
N ILE A 335 9.75 -8.49 1.57
CA ILE A 335 11.16 -8.51 2.00
C ILE A 335 11.42 -9.70 2.89
N ARG A 336 10.51 -9.99 3.85
CA ARG A 336 10.70 -11.15 4.73
C ARG A 336 10.90 -12.41 3.93
N LYS A 337 9.96 -12.63 2.96
CA LYS A 337 10.03 -13.83 2.07
C LYS A 337 11.36 -13.86 1.29
N LEU A 338 11.67 -12.73 0.68
CA LEU A 338 12.94 -12.59 -0.09
C LEU A 338 14.15 -13.02 0.72
N CYS A 339 14.20 -12.49 1.96
CA CYS A 339 15.30 -12.86 2.83
C CYS A 339 15.39 -14.35 3.06
N GLN A 340 14.26 -14.98 3.40
CA GLN A 340 14.21 -16.41 3.67
C GLN A 340 14.59 -17.27 2.47
N GLN A 341 14.17 -16.79 1.27
CA GLN A 341 14.50 -17.46 0.05
C GLN A 341 15.98 -17.37 -0.32
N ASN A 342 16.66 -16.36 0.24
CA ASN A 342 18.08 -16.20 0.12
C ASN A 342 18.88 -16.82 1.30
N ASP A 343 18.24 -17.67 2.12
CA ASP A 343 18.87 -18.38 3.19
C ASP A 343 19.34 -17.47 4.30
N LEU A 344 18.64 -16.37 4.46
CA LEU A 344 18.88 -15.50 5.60
C LEU A 344 17.92 -15.80 6.72
N PRO A 345 18.38 -15.77 7.96
CA PRO A 345 17.56 -16.31 9.13
C PRO A 345 16.64 -15.19 9.69
N ILE A 346 15.75 -14.70 8.83
CA ILE A 346 14.79 -13.64 9.16
C ILE A 346 13.45 -14.24 9.42
N THR A 347 12.86 -13.99 10.58
CA THR A 347 11.56 -14.56 10.96
C THR A 347 10.42 -13.59 10.66
N ASP A 348 10.64 -12.30 10.74
CA ASP A 348 9.58 -11.30 10.70
C ASP A 348 10.16 -10.00 10.11
N ALA A 349 9.32 -9.21 9.46
CA ALA A 349 9.71 -7.90 8.98
C ALA A 349 8.52 -6.96 9.06
N PHE A 350 8.76 -5.69 9.38
CA PHE A 350 7.73 -4.70 9.40
C PHE A 350 8.34 -3.33 9.15
N ALA A 351 7.63 -2.40 8.52
CA ALA A 351 8.06 -1.01 8.29
C ALA A 351 7.50 -0.16 9.40
N PRO A 352 8.27 0.28 10.40
CA PRO A 352 7.67 1.07 11.48
C PRO A 352 6.96 2.30 10.95
N PHE A 353 5.76 2.55 11.43
CA PHE A 353 5.09 3.78 11.01
C PHE A 353 5.87 5.00 11.49
N GLU A 354 6.53 4.94 12.64
CA GLU A 354 7.29 6.03 13.19
C GLU A 354 8.41 6.52 12.25
N SER A 355 8.91 5.59 11.40
CA SER A 355 9.94 5.87 10.38
C SER A 355 9.35 6.41 9.11
N GLN A 356 8.03 6.70 9.11
CA GLN A 356 7.35 7.13 7.90
C GLN A 356 7.45 6.03 6.82
N VAL A 357 7.47 4.78 7.29
CA VAL A 357 7.64 3.56 6.47
C VAL A 357 8.87 3.60 5.54
N THR A 358 9.93 4.27 5.98
CA THR A 358 11.21 4.30 5.25
C THR A 358 12.19 3.32 5.82
N TRP A 359 11.95 2.77 7.01
CA TRP A 359 12.74 1.68 7.58
C TRP A 359 11.98 0.39 7.50
N VAL A 360 12.69 -0.73 7.46
CA VAL A 360 12.14 -2.03 7.79
C VAL A 360 12.98 -2.68 8.88
N ALA A 361 12.35 -3.16 9.93
CA ALA A 361 12.99 -3.91 10.99
C ALA A 361 12.88 -5.37 10.63
N LEU A 362 14.00 -6.09 10.69
CA LEU A 362 14.14 -7.49 10.37
C LEU A 362 14.46 -8.26 11.64
N ARG A 363 13.58 -9.12 12.12
CA ARG A 363 13.82 -9.94 13.29
C ARG A 363 14.61 -11.21 12.87
N VAL A 364 15.71 -11.43 13.55
CA VAL A 364 16.66 -12.51 13.27
C VAL A 364 16.46 -13.67 14.24
N ASP A 365 16.43 -14.89 13.66
CA ASP A 365 16.55 -16.13 14.46
C ASP A 365 18.01 -16.27 14.83
N THR A 366 18.36 -15.90 16.06
CA THR A 366 19.74 -15.80 16.43
C THR A 366 20.37 -17.16 16.71
N GLU A 367 19.60 -18.21 16.95
CA GLU A 367 20.18 -19.54 16.97
C GLU A 367 20.77 -19.89 15.61
N LYS A 368 19.99 -19.62 14.54
CA LYS A 368 20.47 -19.85 13.20
C LYS A 368 21.65 -18.94 12.89
N LEU A 369 21.55 -17.67 13.32
CA LEU A 369 22.72 -16.78 13.12
C LEU A 369 23.95 -17.30 13.76
N ARG A 370 23.93 -17.80 14.99
CA ARG A 370 25.10 -18.30 15.62
C ARG A 370 25.70 -19.44 14.87
N ALA A 371 24.87 -20.30 14.25
CA ALA A 371 25.41 -21.46 13.53
C ALA A 371 26.18 -21.02 12.27
N MET A 372 25.88 -19.83 11.74
CA MET A 372 26.52 -19.29 10.56
C MET A 372 27.93 -18.84 10.83
N LYS A 373 28.31 -18.62 12.10
CA LYS A 373 29.69 -18.29 12.51
C LYS A 373 30.19 -17.12 11.64
N THR A 374 29.44 -16.00 11.68
CA THR A 374 29.72 -14.84 10.88
C THR A 374 29.92 -13.62 11.79
N THR A 375 30.00 -12.45 11.17
CA THR A 375 30.21 -11.18 11.85
C THR A 375 29.22 -10.16 11.37
N SER A 376 29.15 -9.05 12.14
CA SER A 376 28.23 -8.00 11.75
C SER A 376 28.48 -7.43 10.37
N GLU A 377 29.76 -7.13 10.08
N GLU A 377 29.74 -7.10 10.05
CA GLU A 377 30.15 -6.54 8.79
CA GLU A 377 29.96 -6.46 8.78
C GLU A 377 29.67 -7.43 7.65
C GLU A 377 29.64 -7.43 7.63
N GLY A 378 30.00 -8.71 7.77
CA GLY A 378 29.60 -9.66 6.68
C GLY A 378 28.13 -9.80 6.53
N PHE A 379 27.40 -9.94 7.71
CA PHE A 379 25.99 -10.21 7.69
C PHE A 379 25.24 -8.98 7.15
N ARG A 380 25.63 -7.78 7.62
CA ARG A 380 25.00 -6.57 7.08
C ARG A 380 25.14 -6.38 5.63
N LYS A 381 26.30 -6.65 5.09
N LYS A 381 26.32 -6.70 5.11
CA LYS A 381 26.51 -6.59 3.67
CA LYS A 381 26.59 -6.60 3.68
C LYS A 381 25.66 -7.58 2.95
C LYS A 381 25.75 -7.61 2.90
N ARG A 382 25.56 -8.80 3.45
CA ARG A 382 24.77 -9.83 2.76
C ARG A 382 23.32 -9.41 2.66
N VAL A 383 22.77 -8.96 3.82
CA VAL A 383 21.35 -8.61 3.90
C VAL A 383 21.07 -7.41 2.94
N GLY A 384 21.90 -6.37 3.03
CA GLY A 384 21.67 -5.22 2.21
C GLY A 384 21.79 -5.52 0.70
N ASP A 385 22.75 -6.36 0.32
CA ASP A 385 22.89 -6.71 -1.13
C ASP A 385 21.56 -7.41 -1.55
N VAL A 386 21.06 -8.36 -0.78
CA VAL A 386 19.82 -9.06 -1.20
C VAL A 386 18.68 -8.04 -1.31
N VAL A 387 18.44 -7.20 -0.30
CA VAL A 387 17.23 -6.44 -0.24
C VAL A 387 17.29 -5.17 -1.13
N PHE A 388 18.45 -4.46 -1.07
CA PHE A 388 18.52 -3.21 -1.77
C PHE A 388 18.73 -3.36 -3.30
N ASN A 389 19.07 -4.56 -3.72
CA ASN A 389 19.18 -4.86 -5.18
C ASN A 389 17.92 -5.43 -5.73
N HIS A 390 16.85 -5.51 -4.95
CA HIS A 390 15.58 -6.09 -5.38
C HIS A 390 14.47 -5.04 -5.40
N LYS A 391 13.53 -5.14 -6.30
CA LYS A 391 12.39 -4.28 -6.34
C LYS A 391 11.61 -4.21 -5.01
N ALA A 392 11.51 -5.29 -4.27
CA ALA A 392 10.74 -5.23 -3.01
C ALA A 392 11.41 -4.23 -2.02
N GLY A 393 12.73 -4.01 -2.14
CA GLY A 393 13.44 -3.06 -1.29
C GLY A 393 13.39 -1.63 -1.76
N TYR A 394 12.76 -1.30 -2.87
CA TYR A 394 12.86 -0.02 -3.46
C TYR A 394 12.50 1.12 -2.53
N THR A 395 11.40 1.09 -1.83
CA THR A 395 10.93 2.15 -1.03
C THR A 395 11.67 2.30 0.31
N ILE A 396 12.49 1.33 0.67
CA ILE A 396 13.08 1.24 1.99
C ILE A 396 14.50 1.68 2.00
N HIS A 397 14.83 2.67 2.82
CA HIS A 397 16.19 3.23 2.92
C HIS A 397 16.98 2.82 4.11
N ARG A 398 16.40 2.29 5.16
CA ARG A 398 17.14 1.77 6.30
C ARG A 398 16.63 0.44 6.72
N LEU A 399 17.45 -0.58 6.83
CA LEU A 399 17.13 -1.85 7.42
C LEU A 399 17.71 -1.92 8.79
N VAL A 400 16.91 -2.30 9.79
CA VAL A 400 17.39 -2.47 11.14
C VAL A 400 17.33 -3.92 11.57
N LEU A 401 18.46 -4.56 11.83
CA LEU A 401 18.52 -5.96 12.22
C LEU A 401 18.36 -6.04 13.72
N VAL A 402 17.43 -6.84 14.21
CA VAL A 402 17.18 -6.98 15.64
C VAL A 402 17.09 -8.44 16.01
N GLY A 403 17.43 -8.79 17.26
CA GLY A 403 17.35 -10.16 17.71
C GLY A 403 15.95 -10.55 18.20
N ASP A 404 15.87 -11.80 18.67
CA ASP A 404 14.61 -12.45 18.96
C ASP A 404 13.80 -11.85 20.02
N ASP A 405 14.33 -10.99 20.84
CA ASP A 405 13.55 -10.41 21.90
C ASP A 405 12.69 -9.26 21.44
N ILE A 406 12.91 -8.70 20.29
CA ILE A 406 12.22 -7.57 19.79
C ILE A 406 11.03 -7.92 18.88
N ASP A 407 9.86 -7.33 19.20
CA ASP A 407 8.66 -7.50 18.37
C ASP A 407 8.69 -6.38 17.36
N VAL A 408 8.99 -6.71 16.09
CA VAL A 408 9.14 -5.73 15.05
C VAL A 408 7.85 -4.99 14.68
N TYR A 409 6.72 -5.52 15.16
CA TYR A 409 5.46 -4.87 14.88
C TYR A 409 5.12 -3.78 15.94
N GLU A 410 6.04 -3.60 16.89
CA GLU A 410 5.93 -2.58 17.96
C GLU A 410 7.02 -1.54 17.80
N GLY A 411 6.65 -0.39 17.25
CA GLY A 411 7.64 0.66 16.94
C GLY A 411 8.46 1.10 18.11
N LYS A 412 7.88 1.14 19.31
N LYS A 412 7.90 1.11 19.30
CA LYS A 412 8.61 1.54 20.54
CA LYS A 412 8.64 1.62 20.43
C LYS A 412 9.79 0.63 20.77
C LYS A 412 9.79 0.65 20.74
N ASP A 413 9.60 -0.64 20.52
CA ASP A 413 10.60 -1.65 20.79
C ASP A 413 11.73 -1.62 19.74
N VAL A 414 11.34 -1.39 18.48
CA VAL A 414 12.32 -1.21 17.40
C VAL A 414 13.17 0.04 17.66
N LEU A 415 12.55 1.14 18.07
N LEU A 415 12.55 1.15 18.06
CA LEU A 415 13.25 2.35 18.37
CA LEU A 415 13.33 2.34 18.33
C LEU A 415 14.22 2.16 19.55
C LEU A 415 14.23 2.16 19.55
N TRP A 416 13.77 1.45 20.57
CA TRP A 416 14.63 1.13 21.71
C TRP A 416 15.85 0.34 21.27
N ALA A 417 15.65 -0.73 20.50
CA ALA A 417 16.75 -1.53 20.05
C ALA A 417 17.71 -0.74 19.15
N PHE A 418 17.17 0.01 18.19
CA PHE A 418 18.02 0.82 17.28
C PHE A 418 18.91 1.78 18.06
N SER A 419 18.27 2.49 19.03
N SER A 419 18.27 2.50 19.01
CA SER A 419 18.96 3.57 19.78
CA SER A 419 18.95 3.59 19.75
C SER A 419 19.97 3.07 20.76
C SER A 419 19.95 3.08 20.74
N THR A 420 19.86 1.84 21.20
CA THR A 420 20.70 1.28 22.24
C THR A 420 21.70 0.19 21.85
N ARG A 421 21.46 -0.46 20.69
CA ARG A 421 22.23 -1.60 20.25
C ARG A 421 23.05 -1.38 18.97
N CYS A 422 22.77 -0.31 18.22
CA CYS A 422 23.47 -0.04 16.94
C CYS A 422 24.37 1.22 17.14
N ARG A 423 25.71 1.00 17.20
CA ARG A 423 26.65 2.09 17.29
C ARG A 423 26.69 2.86 15.95
N PRO A 424 26.35 4.13 15.92
CA PRO A 424 26.39 4.91 14.65
C PRO A 424 27.75 4.74 13.96
N GLY A 425 27.71 4.51 12.66
CA GLY A 425 28.93 4.34 11.83
C GLY A 425 29.44 2.92 11.90
N MET A 426 30.08 2.52 12.96
CA MET A 426 30.69 1.24 13.08
C MET A 426 29.78 0.05 12.86
N ASP A 427 28.54 0.14 13.36
CA ASP A 427 27.60 -0.97 13.23
C ASP A 427 26.67 -0.80 12.05
N GLU A 428 27.06 -0.01 11.06
CA GLU A 428 26.24 0.28 9.91
C GLU A 428 27.00 0.14 8.62
N THR A 429 26.32 -0.20 7.54
CA THR A 429 26.94 -0.24 6.20
C THR A 429 26.09 0.62 5.30
N LEU A 430 26.66 1.63 4.65
CA LEU A 430 26.03 2.47 3.70
C LEU A 430 26.09 1.87 2.30
N PHE A 431 25.05 2.10 1.53
CA PHE A 431 24.87 1.57 0.17
C PHE A 431 24.59 2.77 -0.73
N GLU A 432 25.53 3.18 -1.56
CA GLU A 432 25.44 4.31 -2.43
C GLU A 432 25.18 3.91 -3.90
N ASP A 433 25.39 2.63 -4.22
CA ASP A 433 25.20 2.13 -5.56
C ASP A 433 24.02 1.17 -5.73
N VAL A 434 22.90 1.64 -5.20
CA VAL A 434 21.65 0.99 -5.31
C VAL A 434 20.61 2.00 -5.78
N ARG A 435 19.49 1.55 -6.28
CA ARG A 435 18.37 2.41 -6.63
C ARG A 435 17.78 3.05 -5.36
N GLY A 436 17.59 4.37 -5.40
CA GLY A 436 16.97 5.13 -4.32
C GLY A 436 15.54 5.53 -4.64
N PHE A 437 14.74 5.85 -3.63
CA PHE A 437 13.37 6.19 -3.78
C PHE A 437 13.21 7.71 -3.83
N PRO A 438 12.99 8.31 -5.02
CA PRO A 438 13.08 9.80 -5.08
C PRO A 438 12.02 10.53 -4.34
N LEU A 439 10.90 9.92 -4.01
N LEU A 439 10.94 9.88 -3.99
CA LEU A 439 9.80 10.64 -3.34
CA LEU A 439 9.81 10.50 -3.31
C LEU A 439 10.19 10.98 -1.89
C LEU A 439 10.21 10.97 -1.91
N ILE A 440 11.14 10.25 -1.29
CA ILE A 440 11.57 10.71 0.08
C ILE A 440 12.23 12.08 -0.10
N PRO A 441 11.84 13.08 0.74
CA PRO A 441 12.37 14.43 0.52
C PRO A 441 13.87 14.51 0.45
N TYR A 442 14.56 13.78 1.37
CA TYR A 442 16.02 13.86 1.37
C TYR A 442 16.63 13.25 0.11
N MET A 443 15.88 12.58 -0.75
CA MET A 443 16.32 12.05 -2.04
C MET A 443 16.01 13.10 -3.11
N GLY A 444 14.76 13.18 -3.55
CA GLY A 444 14.38 14.03 -4.68
C GLY A 444 14.56 15.52 -4.47
N HIS A 445 14.51 15.95 -3.21
CA HIS A 445 14.71 17.32 -2.84
C HIS A 445 15.91 17.57 -1.93
N GLY A 446 16.86 16.64 -1.97
CA GLY A 446 17.98 16.62 -1.09
C GLY A 446 19.28 17.07 -1.73
N ASN A 447 20.35 16.67 -1.04
CA ASN A 447 21.69 17.10 -1.36
C ASN A 447 22.46 16.23 -2.32
N GLY A 448 21.90 15.06 -2.69
CA GLY A 448 22.55 14.05 -3.50
C GLY A 448 21.71 13.64 -4.67
N PRO A 449 22.18 12.60 -5.39
CA PRO A 449 21.40 12.06 -6.56
C PRO A 449 19.98 11.63 -6.12
N ALA A 450 18.95 12.02 -6.87
CA ALA A 450 17.61 11.68 -6.49
C ALA A 450 17.33 10.21 -6.56
N HIS A 451 17.98 9.50 -7.47
CA HIS A 451 17.62 8.10 -7.83
C HIS A 451 18.63 7.07 -7.41
N ARG A 452 19.67 7.46 -6.66
CA ARG A 452 20.75 6.54 -6.30
C ARG A 452 21.20 6.77 -4.89
N GLY A 453 21.43 5.65 -4.21
CA GLY A 453 22.12 5.67 -2.90
C GLY A 453 21.21 6.13 -1.79
N GLY A 454 21.84 6.53 -0.70
CA GLY A 454 21.12 7.02 0.53
C GLY A 454 20.58 5.87 1.34
N LYS A 455 21.06 4.64 1.22
CA LYS A 455 20.57 3.49 1.96
C LYS A 455 21.54 2.98 2.96
N VAL A 456 21.06 2.28 4.00
CA VAL A 456 21.90 1.87 5.09
C VAL A 456 21.36 0.58 5.73
N VAL A 457 22.22 -0.34 6.14
CA VAL A 457 21.86 -1.44 7.03
C VAL A 457 22.44 -1.09 8.39
N SER A 458 21.57 -1.02 9.40
CA SER A 458 21.91 -0.71 10.79
C SER A 458 21.77 -1.95 11.60
N ASP A 459 22.88 -2.47 12.16
CA ASP A 459 22.87 -3.72 12.88
C ASP A 459 22.63 -3.45 14.39
N ALA A 460 21.43 -3.75 14.86
CA ALA A 460 21.08 -3.66 16.28
C ALA A 460 21.11 -5.04 16.96
N LEU A 461 21.83 -6.00 16.37
CA LEU A 461 22.27 -7.20 17.07
C LEU A 461 23.47 -6.87 17.95
N MET A 462 23.46 -7.37 19.18
CA MET A 462 24.59 -7.18 20.10
C MET A 462 25.66 -8.25 19.80
N PRO A 463 26.92 -8.00 20.19
CA PRO A 463 27.98 -8.93 19.79
C PRO A 463 27.77 -10.40 20.10
N THR A 464 27.30 -10.71 21.31
CA THR A 464 27.16 -12.10 21.71
C THR A 464 26.05 -12.80 20.96
N GLU A 465 25.16 -12.03 20.30
CA GLU A 465 24.12 -12.68 19.53
C GLU A 465 24.67 -13.44 18.32
N TYR A 466 25.90 -13.09 17.86
CA TYR A 466 26.60 -13.81 16.81
C TYR A 466 27.37 -15.02 17.32
N THR A 467 27.61 -15.15 18.64
CA THR A 467 28.59 -16.08 19.18
C THR A 467 27.90 -17.03 20.14
N THR A 468 27.73 -16.58 21.38
CA THR A 468 27.33 -17.45 22.47
C THR A 468 25.87 -17.26 23.00
N GLY A 469 25.25 -16.15 22.61
CA GLY A 469 23.85 -15.85 23.01
C GLY A 469 23.73 -14.54 23.76
N ARG A 470 22.52 -14.08 23.85
CA ARG A 470 22.18 -12.84 24.62
C ARG A 470 22.72 -12.95 26.04
N ASN A 471 23.37 -11.84 26.47
CA ASN A 471 24.09 -11.75 27.73
C ASN A 471 23.55 -10.64 28.66
N TRP A 472 22.34 -10.17 28.40
CA TRP A 472 21.66 -9.22 29.26
C TRP A 472 20.25 -9.69 29.61
N GLU A 473 19.68 -8.95 30.56
CA GLU A 473 18.24 -8.97 30.83
C GLU A 473 17.77 -7.53 30.71
N ALA A 474 16.56 -7.27 30.28
CA ALA A 474 16.03 -5.94 30.27
C ALA A 474 15.83 -5.49 31.75
N ALA A 475 16.06 -4.18 31.95
CA ALA A 475 15.73 -3.47 33.20
C ALA A 475 14.27 -2.97 33.08
N ASP A 476 13.34 -3.94 33.00
CA ASP A 476 11.92 -3.64 32.91
C ASP A 476 11.20 -4.54 33.90
N PHE A 477 9.89 -4.27 34.02
CA PHE A 477 9.09 -5.06 34.95
C PHE A 477 9.09 -6.53 34.54
N ASN A 478 8.97 -6.76 33.21
CA ASN A 478 8.89 -8.15 32.74
C ASN A 478 10.12 -9.02 33.10
N GLN A 479 11.33 -8.46 32.89
CA GLN A 479 12.54 -9.23 32.91
C GLN A 479 13.39 -9.07 34.19
N SER A 480 13.12 -8.05 35.00
N SER A 480 13.20 -8.02 35.01
CA SER A 480 13.97 -7.76 36.10
CA SER A 480 14.07 -7.90 36.18
C SER A 480 13.40 -8.24 37.49
C SER A 480 13.44 -8.30 37.52
N TYR A 481 12.30 -9.00 37.44
CA TYR A 481 11.61 -9.47 38.64
C TYR A 481 11.12 -10.86 38.46
N PRO A 482 11.15 -11.77 39.45
CA PRO A 482 10.69 -13.11 39.28
C PRO A 482 9.20 -13.18 39.07
N GLU A 483 8.77 -14.28 38.44
CA GLU A 483 7.38 -14.46 38.08
C GLU A 483 6.42 -14.35 39.22
N ASP A 484 6.74 -14.97 40.33
N ASP A 484 6.75 -15.00 40.30
CA ASP A 484 5.79 -14.92 41.44
CA ASP A 484 5.87 -15.00 41.46
C ASP A 484 5.54 -13.51 42.04
C ASP A 484 5.56 -13.56 42.01
N LEU A 485 6.61 -12.74 42.07
CA LEU A 485 6.56 -11.37 42.50
C LEU A 485 5.73 -10.55 41.51
N LYS A 486 6.03 -10.69 40.21
CA LYS A 486 5.28 -9.93 39.21
C LYS A 486 3.75 -10.19 39.45
N GLN A 487 3.38 -11.47 39.55
CA GLN A 487 1.99 -11.82 39.64
C GLN A 487 1.36 -11.24 40.94
N LYS A 488 2.12 -11.22 42.03
CA LYS A 488 1.63 -10.63 43.24
C LYS A 488 1.35 -9.16 43.08
N VAL A 489 2.31 -8.46 42.45
CA VAL A 489 2.12 -7.08 42.19
C VAL A 489 0.89 -6.79 41.35
N LEU A 490 0.75 -7.53 40.27
CA LEU A 490 -0.44 -7.37 39.43
C LEU A 490 -1.73 -7.68 40.18
N ASP A 491 -1.70 -8.71 40.99
CA ASP A 491 -2.92 -9.16 41.66
C ASP A 491 -3.33 -8.12 42.71
N ASN A 492 -2.31 -7.37 43.29
CA ASN A 492 -2.62 -6.41 44.39
C ASN A 492 -2.72 -4.95 43.90
N TRP A 493 -2.57 -4.74 42.60
CA TRP A 493 -2.41 -3.41 41.98
C TRP A 493 -3.51 -2.41 42.31
N THR A 494 -4.75 -2.84 42.01
CA THR A 494 -5.84 -1.92 42.25
C THR A 494 -6.17 -1.87 43.79
N LYS A 495 -5.97 -2.95 44.58
CA LYS A 495 -6.13 -2.98 46.06
C LYS A 495 -5.25 -1.94 46.66
N MET A 496 -3.97 -1.87 46.22
CA MET A 496 -3.04 -0.90 46.78
C MET A 496 -3.44 0.54 46.49
N GLY A 497 -4.18 0.82 45.44
CA GLY A 497 -4.60 2.15 44.93
C GLY A 497 -4.15 2.68 43.56
N PHE A 498 -3.52 1.83 42.78
CA PHE A 498 -3.09 2.18 41.42
C PHE A 498 -4.20 1.96 40.36
N SER A 499 -3.99 2.42 39.12
CA SER A 499 -4.95 2.27 38.05
C SER A 499 -4.73 0.99 37.31
#